data_4CQ4
#
_entry.id   4CQ4
#
_cell.length_a   44.069
_cell.length_b   48.037
_cell.length_c   95.187
_cell.angle_alpha   90.00
_cell.angle_beta   98.04
_cell.angle_gamma   90.00
#
_symmetry.space_group_name_H-M   'P 1 21 1'
#
loop_
_entity.id
_entity.type
_entity.pdbx_description
1 polymer 'ENGINEERED VERSION OF TRANSMEMBRANE RECEPTOR AF1503'
2 water water
#
_entity_poly.entity_id   1
_entity_poly.type   'polypeptide(L)'
_entity_poly.pdbx_seq_one_letter_code
;MTSSAEEAKQGVTTVSQEYLTKAGEEAVRMKAQDLALAVQTYIEAKMKLENKTMLTTFDLIQDPKFRSLGAQRWGAKEYT
WVGAGNKVAGRDVAVILTHPAFTGQYEKYLGVDVAMLRWNETMPELYNLLLKITENPEAPKPVCGYYHWDDPETPEKEEI
PKYLCHYPTTIKVYDPISKGQLWVVVGTSAYIDGYFQYLTQNPANPAENIASEISKSVEGAIQQVKNLLTLAADRAEQIV
NDLASTTTSTITRPIIELSNTADKIAEGNLEAEVPHQNRADEIGILAKSIERLRRSLKVAMESLEEALK
;
_entity_poly.pdbx_strand_id   A,B,C,D
#
# COMPACT_ATOMS: atom_id res chain seq x y z
N ALA A 204 15.96 32.78 -14.60
CA ALA A 204 14.52 32.60 -14.93
C ALA A 204 14.13 31.10 -15.04
N ASN A 205 12.90 30.77 -14.64
CA ASN A 205 12.38 29.41 -14.70
C ASN A 205 12.42 28.92 -16.17
N PRO A 206 13.11 27.78 -16.43
CA PRO A 206 13.16 27.45 -17.85
C PRO A 206 11.89 26.74 -18.29
N ALA A 207 10.98 26.35 -17.37
CA ALA A 207 9.78 25.53 -17.73
C ALA A 207 8.92 26.17 -18.81
N GLU A 208 8.65 25.37 -19.86
CA GLU A 208 7.84 25.87 -20.98
C GLU A 208 6.42 25.37 -21.00
N ASN A 209 6.04 24.39 -20.15
CA ASN A 209 4.66 23.83 -20.22
C ASN A 209 4.08 23.78 -18.80
N ILE A 210 2.99 24.49 -18.60
CA ILE A 210 2.30 24.44 -17.30
C ILE A 210 1.85 23.00 -16.99
N ALA A 211 1.46 22.18 -17.99
CA ALA A 211 1.08 20.79 -17.67
C ALA A 211 2.22 19.97 -16.99
N SER A 212 3.43 20.16 -17.50
CA SER A 212 4.65 19.67 -16.85
C SER A 212 4.94 20.21 -15.47
N GLU A 213 4.79 21.51 -15.30
CA GLU A 213 5.05 22.13 -14.03
C GLU A 213 4.12 21.54 -12.96
N ILE A 214 2.82 21.51 -13.24
CA ILE A 214 1.82 20.99 -12.31
C ILE A 214 2.06 19.50 -12.01
N SER A 215 2.19 18.71 -13.05
CA SER A 215 2.40 17.27 -12.90
C SER A 215 3.68 16.88 -12.18
N LYS A 216 4.80 17.51 -12.55
CA LYS A 216 6.07 17.31 -11.81
C LYS A 216 5.96 17.65 -10.32
N SER A 217 5.10 18.61 -9.98
CA SER A 217 5.01 19.07 -8.58
C SER A 217 4.55 17.97 -7.60
N VAL A 218 3.88 16.92 -8.08
CA VAL A 218 3.44 15.81 -7.18
C VAL A 218 4.38 14.59 -7.18
N GLU A 219 5.42 14.63 -7.99
CA GLU A 219 6.33 13.47 -8.09
C GLU A 219 6.98 13.08 -6.80
N GLY A 220 7.40 14.06 -6.02
CA GLY A 220 8.08 13.75 -4.77
C GLY A 220 7.14 12.98 -3.89
N ALA A 221 5.90 13.48 -3.76
CA ALA A 221 4.88 12.85 -2.92
C ALA A 221 4.61 11.45 -3.41
N ILE A 222 4.43 11.32 -4.70
CA ILE A 222 4.21 9.98 -5.25
C ILE A 222 5.37 9.00 -4.96
N GLN A 223 6.62 9.46 -5.06
CA GLN A 223 7.73 8.58 -4.82
C GLN A 223 7.75 8.18 -3.36
N GLN A 224 7.33 9.07 -2.46
CA GLN A 224 7.22 8.71 -1.07
C GLN A 224 6.20 7.64 -0.80
N VAL A 225 5.04 7.77 -1.46
CA VAL A 225 4.02 6.75 -1.42
C VAL A 225 4.56 5.39 -1.89
N LYS A 226 5.16 5.35 -3.10
CA LYS A 226 5.78 4.14 -3.52
C LYS A 226 6.84 3.56 -2.63
N ASN A 227 7.66 4.41 -1.99
CA ASN A 227 8.74 3.93 -1.13
C ASN A 227 8.15 3.26 0.13
N LEU A 228 7.09 3.86 0.67
CA LEU A 228 6.40 3.30 1.80
C LEU A 228 5.76 1.95 1.51
N LEU A 229 5.16 1.80 0.34
CA LEU A 229 4.64 0.53 -0.12
C LEU A 229 5.74 -0.55 -0.41
N THR A 230 6.91 -0.13 -0.87
CA THR A 230 8.07 -1.02 -1.04
C THR A 230 8.47 -1.56 0.34
N LEU A 231 8.53 -0.67 1.31
CA LEU A 231 8.94 -1.11 2.62
C LEU A 231 7.88 -2.03 3.27
N ALA A 232 6.60 -1.77 2.97
CA ALA A 232 5.50 -2.65 3.44
C ALA A 232 5.69 -4.06 2.92
N ALA A 233 5.95 -4.18 1.60
CA ALA A 233 6.16 -5.49 1.03
C ALA A 233 7.38 -6.18 1.62
N ASP A 234 8.41 -5.42 1.87
CA ASP A 234 9.64 -6.02 2.41
C ASP A 234 9.36 -6.53 3.84
N ARG A 235 8.57 -5.77 4.59
CA ARG A 235 8.27 -6.13 5.95
C ARG A 235 7.39 -7.37 5.96
N ALA A 236 6.48 -7.47 4.98
CA ALA A 236 5.63 -8.62 4.84
C ALA A 236 6.43 -9.89 4.52
N GLU A 237 7.38 -9.79 3.60
CA GLU A 237 8.14 -10.97 3.27
C GLU A 237 8.96 -11.55 4.43
N GLN A 238 9.46 -10.70 5.36
CA GLN A 238 10.26 -11.13 6.53
C GLN A 238 9.48 -12.12 7.41
N ILE A 239 8.14 -12.06 7.34
CA ILE A 239 7.28 -12.95 8.11
C ILE A 239 7.59 -14.43 7.95
N VAL A 240 7.98 -14.85 6.75
CA VAL A 240 8.18 -16.25 6.53
C VAL A 240 9.33 -16.79 7.38
N ASN A 241 10.48 -16.16 7.28
CA ASN A 241 11.62 -16.57 8.06
C ASN A 241 11.41 -16.46 9.58
N ASP A 242 10.71 -15.44 10.04
CA ASP A 242 10.44 -15.36 11.51
C ASP A 242 9.52 -16.52 11.95
N LEU A 243 8.58 -16.86 11.08
CA LEU A 243 7.66 -17.94 11.36
C LEU A 243 8.35 -19.27 11.35
N ALA A 244 9.26 -19.51 10.40
CA ALA A 244 10.08 -20.69 10.47
C ALA A 244 10.76 -20.79 11.82
N SER A 245 11.31 -19.67 12.30
CA SER A 245 12.08 -19.61 13.51
C SER A 245 11.23 -19.85 14.78
N THR A 246 10.07 -19.21 14.84
CA THR A 246 9.12 -19.44 15.92
C THR A 246 8.64 -20.88 15.99
N THR A 247 8.39 -21.47 14.83
CA THR A 247 7.90 -22.84 14.82
C THR A 247 9.00 -23.72 15.37
N THR A 248 10.27 -23.43 15.03
CA THR A 248 11.37 -24.34 15.40
C THR A 248 11.57 -24.21 16.91
N SER A 249 11.59 -22.98 17.37
CA SER A 249 11.86 -22.75 18.79
C SER A 249 10.68 -23.21 19.69
N THR A 250 9.46 -23.08 19.19
CA THR A 250 8.28 -23.32 19.98
C THR A 250 7.81 -24.75 19.90
N ILE A 251 8.02 -25.37 18.73
CA ILE A 251 7.51 -26.66 18.51
C ILE A 251 8.62 -27.66 18.19
N THR A 252 9.42 -27.40 17.17
CA THR A 252 10.31 -28.47 16.67
C THR A 252 11.27 -28.95 17.75
N ARG A 253 11.94 -28.00 18.38
CA ARG A 253 12.97 -28.30 19.37
C ARG A 253 12.42 -29.18 20.50
N PRO A 254 11.27 -28.82 21.06
CA PRO A 254 10.74 -29.64 22.15
C PRO A 254 10.28 -31.01 21.70
N ILE A 255 9.74 -31.08 20.50
CA ILE A 255 9.31 -32.37 19.96
C ILE A 255 10.47 -33.34 19.78
N ILE A 256 11.54 -32.86 19.19
CA ILE A 256 12.70 -33.75 18.96
C ILE A 256 13.29 -34.16 20.30
N GLU A 257 13.30 -33.24 21.26
CA GLU A 257 13.78 -33.61 22.56
C GLU A 257 12.94 -34.70 23.14
N LEU A 258 11.60 -34.55 23.05
CA LEU A 258 10.68 -35.56 23.57
C LEU A 258 10.89 -36.94 22.90
N SER A 259 11.02 -36.95 21.57
CA SER A 259 11.26 -38.20 20.80
C SER A 259 12.62 -38.83 21.24
N ASN A 260 13.60 -38.00 21.52
CA ASN A 260 14.89 -38.53 21.93
C ASN A 260 14.80 -39.16 23.28
N THR A 261 14.07 -38.51 24.14
CA THR A 261 13.80 -39.04 25.44
C THR A 261 12.99 -40.33 25.41
N ALA A 262 11.94 -40.40 24.60
CA ALA A 262 11.20 -41.66 24.37
C ALA A 262 12.12 -42.78 23.94
N ASP A 263 13.04 -42.49 23.05
CA ASP A 263 13.91 -43.54 22.54
C ASP A 263 14.81 -44.10 23.64
N LYS A 264 15.39 -43.19 24.42
CA LYS A 264 16.21 -43.55 25.58
C LYS A 264 15.45 -44.49 26.53
N ILE A 265 14.21 -44.16 26.83
CA ILE A 265 13.42 -44.95 27.78
C ILE A 265 13.21 -46.32 27.12
N ALA A 266 12.85 -46.33 25.83
CA ALA A 266 12.53 -47.59 25.18
C ALA A 266 13.74 -48.52 25.10
N GLU A 267 14.95 -47.97 25.04
CA GLU A 267 16.18 -48.72 24.86
C GLU A 267 16.80 -49.04 26.20
N GLY A 268 16.12 -48.66 27.28
CA GLY A 268 16.38 -49.22 28.58
C GLY A 268 16.76 -48.27 29.69
N ASN A 269 16.76 -46.97 29.43
CA ASN A 269 17.02 -46.00 30.49
C ASN A 269 15.72 -45.48 31.08
N LEU A 270 15.20 -46.26 31.99
CA LEU A 270 13.92 -46.03 32.63
C LEU A 270 13.92 -44.80 33.55
N GLU A 271 15.09 -44.27 33.88
CA GLU A 271 15.21 -43.06 34.71
C GLU A 271 15.41 -41.75 33.90
N ALA A 272 15.46 -41.83 32.56
CA ALA A 272 15.59 -40.63 31.73
C ALA A 272 14.63 -39.55 32.22
N GLU A 273 15.10 -38.31 32.40
CA GLU A 273 14.25 -37.19 32.83
C GLU A 273 13.44 -36.76 31.61
N VAL A 274 12.12 -36.72 31.74
CA VAL A 274 11.24 -36.26 30.64
C VAL A 274 11.13 -34.74 30.70
N PRO A 275 11.53 -34.06 29.64
CA PRO A 275 11.52 -32.57 29.78
C PRO A 275 10.14 -31.97 29.50
N HIS A 276 10.00 -30.68 29.80
CA HIS A 276 8.81 -29.90 29.42
C HIS A 276 7.49 -30.29 30.05
N GLN A 277 7.48 -30.95 31.18
CA GLN A 277 6.23 -31.36 31.80
C GLN A 277 5.48 -30.20 32.44
N ASN A 278 6.21 -29.13 32.82
CA ASN A 278 5.60 -27.93 33.42
C ASN A 278 4.93 -27.00 32.38
N ARG A 279 5.10 -27.32 31.10
CA ARG A 279 4.69 -26.42 30.03
C ARG A 279 3.17 -26.34 29.85
N ALA A 280 2.63 -25.16 29.59
CA ALA A 280 1.18 -24.97 29.73
C ALA A 280 0.42 -25.29 28.45
N ASP A 281 1.12 -25.56 27.36
CA ASP A 281 0.40 -25.88 26.11
C ASP A 281 0.36 -27.32 25.86
N GLU A 282 0.07 -27.72 24.62
CA GLU A 282 -0.11 -29.12 24.25
C GLU A 282 1.18 -29.93 24.17
N ILE A 283 2.31 -29.23 24.08
CA ILE A 283 3.62 -29.85 24.31
C ILE A 283 3.77 -30.32 25.76
N GLY A 284 3.22 -29.57 26.72
CA GLY A 284 3.17 -29.99 28.14
C GLY A 284 2.33 -31.24 28.36
N ILE A 285 1.22 -31.29 27.63
CA ILE A 285 0.34 -32.42 27.66
C ILE A 285 1.03 -33.67 27.14
N LEU A 286 1.64 -33.57 25.95
CA LEU A 286 2.43 -34.66 25.40
C LEU A 286 3.57 -35.15 26.33
N ALA A 287 4.30 -34.21 26.93
CA ALA A 287 5.38 -34.55 27.85
C ALA A 287 4.86 -35.23 29.12
N LYS A 288 3.78 -34.74 29.72
CA LYS A 288 3.17 -35.46 30.84
C LYS A 288 2.70 -36.87 30.41
N SER A 289 2.24 -37.05 29.16
CA SER A 289 1.80 -38.40 28.70
C SER A 289 2.95 -39.38 28.56
N ILE A 290 4.07 -38.87 28.06
CA ILE A 290 5.31 -39.66 28.03
C ILE A 290 5.89 -39.92 29.42
N GLU A 291 5.76 -38.99 30.38
CA GLU A 291 6.19 -39.31 31.74
C GLU A 291 5.38 -40.42 32.36
N ARG A 292 4.06 -40.45 32.12
CA ARG A 292 3.20 -41.60 32.55
C ARG A 292 3.58 -42.90 31.89
N LEU A 293 3.92 -42.82 30.60
CA LEU A 293 4.36 -43.99 29.85
C LEU A 293 5.66 -44.58 30.45
N ARG A 294 6.63 -43.73 30.73
CA ARG A 294 7.85 -44.16 31.45
C ARG A 294 7.50 -44.88 32.73
N ARG A 295 6.67 -44.26 33.57
CA ARG A 295 6.38 -44.85 34.88
C ARG A 295 5.78 -46.24 34.68
N SER A 296 4.95 -46.37 33.67
CA SER A 296 4.26 -47.62 33.36
C SER A 296 5.24 -48.67 32.80
N LEU A 297 6.10 -48.27 31.88
CA LEU A 297 7.14 -49.22 31.42
C LEU A 297 8.15 -49.65 32.50
N LYS A 298 8.55 -48.69 33.34
CA LYS A 298 9.47 -48.92 34.45
C LYS A 298 8.96 -50.01 35.39
N VAL A 299 7.72 -49.90 35.83
CA VAL A 299 7.15 -50.92 36.71
C VAL A 299 7.03 -52.27 35.98
N ALA A 300 6.72 -52.22 34.71
CA ALA A 300 6.59 -53.52 34.00
C ALA A 300 7.91 -54.26 33.92
N MET A 301 8.98 -53.54 33.66
CA MET A 301 10.29 -54.13 33.63
C MET A 301 10.76 -54.63 34.96
N GLU A 302 10.51 -53.84 35.97
CA GLU A 302 10.89 -54.22 37.28
C GLU A 302 10.13 -55.47 37.72
N SER A 303 8.84 -55.51 37.38
CA SER A 303 7.93 -56.61 37.72
C SER A 303 8.43 -57.91 37.15
N LEU A 304 8.86 -57.85 35.90
CA LEU A 304 9.41 -59.02 35.17
C LEU A 304 10.73 -59.44 35.80
N GLU A 305 11.58 -58.45 36.07
CA GLU A 305 12.84 -58.73 36.73
C GLU A 305 12.59 -59.48 38.01
N GLU A 306 11.60 -59.04 38.77
CA GLU A 306 11.42 -59.66 40.09
C GLU A 306 10.76 -61.04 39.99
N ALA A 307 9.88 -61.18 39.02
CA ALA A 307 9.17 -62.41 38.83
C ALA A 307 10.11 -63.52 38.37
N LEU A 308 11.16 -63.18 37.63
CA LEU A 308 12.01 -64.22 37.06
C LEU A 308 13.24 -64.51 37.94
N LYS A 309 13.36 -63.86 39.09
CA LYS A 309 14.21 -64.38 40.14
C LYS A 309 13.53 -65.68 40.58
N GLU B 208 -15.57 26.13 -8.07
CA GLU B 208 -15.50 26.41 -9.50
C GLU B 208 -14.08 26.80 -9.88
N ASN B 209 -13.20 27.10 -8.92
CA ASN B 209 -11.97 27.82 -9.25
C ASN B 209 -10.87 26.89 -9.73
N ILE B 210 -9.87 27.47 -10.41
CA ILE B 210 -8.80 26.64 -10.99
C ILE B 210 -8.14 25.72 -9.97
N ALA B 211 -7.82 26.22 -8.79
CA ALA B 211 -7.17 25.44 -7.77
C ALA B 211 -7.99 24.25 -7.29
N SER B 212 -9.30 24.48 -7.12
CA SER B 212 -10.21 23.42 -6.80
C SER B 212 -10.34 22.45 -7.97
N GLU B 213 -10.48 22.95 -9.19
CA GLU B 213 -10.60 22.01 -10.35
C GLU B 213 -9.37 21.06 -10.45
N ILE B 214 -8.19 21.63 -10.33
CA ILE B 214 -6.95 20.85 -10.52
C ILE B 214 -6.76 19.89 -9.34
N SER B 215 -6.88 20.40 -8.12
CA SER B 215 -6.63 19.62 -6.88
C SER B 215 -7.62 18.47 -6.74
N LYS B 216 -8.88 18.72 -7.04
CA LYS B 216 -9.87 17.72 -6.85
C LYS B 216 -9.82 16.70 -7.95
N SER B 217 -9.13 17.03 -9.03
CA SER B 217 -9.02 16.08 -10.10
C SER B 217 -8.26 14.79 -9.73
N VAL B 218 -7.41 14.83 -8.72
CA VAL B 218 -6.63 13.69 -8.29
C VAL B 218 -7.31 12.93 -7.13
N GLU B 219 -8.44 13.46 -6.61
CA GLU B 219 -9.18 12.80 -5.51
C GLU B 219 -9.69 11.41 -5.78
N GLY B 220 -10.24 11.22 -7.00
CA GLY B 220 -10.62 9.88 -7.49
C GLY B 220 -9.50 8.87 -7.48
N ALA B 221 -8.35 9.28 -8.01
CA ALA B 221 -7.17 8.46 -8.10
C ALA B 221 -6.71 8.04 -6.75
N ILE B 222 -6.70 9.01 -5.81
CA ILE B 222 -6.29 8.74 -4.47
C ILE B 222 -7.24 7.74 -3.78
N GLN B 223 -8.54 7.81 -4.06
CA GLN B 223 -9.50 6.83 -3.52
C GLN B 223 -9.23 5.47 -4.10
N GLN B 224 -8.85 5.45 -5.39
CA GLN B 224 -8.49 4.20 -6.06
C GLN B 224 -7.26 3.52 -5.47
N VAL B 225 -6.25 4.34 -5.14
CA VAL B 225 -5.06 3.88 -4.47
C VAL B 225 -5.48 3.33 -3.12
N LYS B 226 -6.30 4.07 -2.39
CA LYS B 226 -6.71 3.63 -1.04
C LYS B 226 -7.50 2.34 -1.08
N ASN B 227 -8.34 2.22 -2.07
CA ASN B 227 -9.14 0.97 -2.19
C ASN B 227 -8.23 -0.26 -2.31
N LEU B 228 -7.14 -0.15 -3.10
CA LEU B 228 -6.20 -1.25 -3.24
C LEU B 228 -5.51 -1.54 -1.94
N LEU B 229 -5.14 -0.46 -1.21
CA LEU B 229 -4.47 -0.59 0.06
C LEU B 229 -5.35 -1.26 1.11
N THR B 230 -6.65 -0.98 1.03
CA THR B 230 -7.60 -1.59 1.94
C THR B 230 -7.79 -3.08 1.64
N LEU B 231 -7.83 -3.45 0.38
CA LEU B 231 -7.82 -4.85 0.01
C LEU B 231 -6.57 -5.57 0.50
N ALA B 232 -5.42 -4.91 0.34
CA ALA B 232 -4.15 -5.46 0.81
C ALA B 232 -4.13 -5.61 2.36
N ALA B 233 -4.56 -4.58 3.08
CA ALA B 233 -4.63 -4.67 4.51
C ALA B 233 -5.58 -5.81 5.01
N ASP B 234 -6.78 -5.91 4.47
CA ASP B 234 -7.71 -6.97 4.83
C ASP B 234 -7.14 -8.35 4.49
N ARG B 235 -6.43 -8.48 3.38
CA ARG B 235 -5.84 -9.77 3.08
C ARG B 235 -4.75 -10.15 4.07
N ALA B 236 -3.95 -9.17 4.46
CA ALA B 236 -2.92 -9.40 5.47
C ALA B 236 -3.51 -9.78 6.83
N GLU B 237 -4.61 -9.13 7.16
CA GLU B 237 -5.39 -9.40 8.42
C GLU B 237 -5.89 -10.87 8.51
N GLN B 238 -6.14 -11.51 7.37
CA GLN B 238 -6.70 -12.87 7.36
C GLN B 238 -5.63 -13.92 7.67
N ILE B 239 -4.35 -13.57 7.50
CA ILE B 239 -3.24 -14.49 7.67
C ILE B 239 -3.32 -15.15 9.04
N VAL B 240 -3.56 -14.36 10.09
CA VAL B 240 -3.56 -14.93 11.47
C VAL B 240 -4.60 -16.04 11.65
N ASN B 241 -5.86 -15.81 11.27
CA ASN B 241 -6.89 -16.80 11.52
C ASN B 241 -6.55 -18.03 10.71
N ASP B 242 -6.02 -17.84 9.50
CA ASP B 242 -5.71 -18.98 8.62
C ASP B 242 -4.53 -19.78 9.13
N LEU B 243 -3.56 -19.06 9.70
CA LEU B 243 -2.42 -19.68 10.30
C LEU B 243 -2.83 -20.46 11.57
N ALA B 244 -3.75 -19.91 12.37
CA ALA B 244 -4.31 -20.68 13.55
C ALA B 244 -4.95 -21.97 13.08
N SER B 245 -5.64 -21.89 11.97
CA SER B 245 -6.21 -23.06 11.33
C SER B 245 -5.25 -24.14 10.87
N THR B 246 -4.27 -23.72 10.10
CA THR B 246 -3.20 -24.57 9.64
C THR B 246 -2.44 -25.22 10.75
N THR B 247 -2.19 -24.43 11.81
CA THR B 247 -1.38 -24.93 12.94
C THR B 247 -2.22 -26.00 13.64
N THR B 248 -3.53 -25.72 13.76
CA THR B 248 -4.38 -26.68 14.39
C THR B 248 -4.39 -28.04 13.67
N SER B 249 -4.60 -28.06 12.36
CA SER B 249 -4.72 -29.28 11.56
C SER B 249 -3.38 -29.98 11.35
N THR B 250 -2.36 -29.17 11.18
CA THR B 250 -1.02 -29.66 10.94
C THR B 250 -0.31 -30.18 12.20
N ILE B 251 -0.45 -29.50 13.34
CA ILE B 251 0.37 -29.80 14.53
C ILE B 251 -0.49 -30.18 15.74
N THR B 252 -1.50 -29.37 16.03
CA THR B 252 -2.20 -29.53 17.30
C THR B 252 -2.93 -30.86 17.43
N ARG B 253 -3.77 -31.14 16.43
CA ARG B 253 -4.57 -32.37 16.36
C ARG B 253 -3.67 -33.57 16.50
N PRO B 254 -2.64 -33.68 15.61
CA PRO B 254 -1.74 -34.83 15.69
C PRO B 254 -1.06 -34.96 17.04
N ILE B 255 -0.62 -33.85 17.63
CA ILE B 255 0.03 -33.90 18.93
C ILE B 255 -0.94 -34.42 20.02
N ILE B 256 -2.17 -33.92 20.01
CA ILE B 256 -3.17 -34.34 21.03
C ILE B 256 -3.50 -35.79 20.82
N GLU B 257 -3.59 -36.22 19.56
CA GLU B 257 -3.89 -37.63 19.24
C GLU B 257 -2.80 -38.49 19.83
N LEU B 258 -1.53 -38.09 19.59
CA LEU B 258 -0.38 -38.88 20.03
C LEU B 258 -0.28 -38.95 21.54
N SER B 259 -0.68 -37.85 22.21
CA SER B 259 -0.70 -37.76 23.65
C SER B 259 -1.73 -38.71 24.25
N ASN B 260 -2.92 -38.72 23.66
CA ASN B 260 -3.96 -39.63 24.10
C ASN B 260 -3.54 -41.05 23.84
N THR B 261 -2.83 -41.31 22.74
CA THR B 261 -2.34 -42.65 22.48
C THR B 261 -1.31 -43.11 23.54
N ALA B 262 -0.34 -42.25 23.84
CA ALA B 262 0.65 -42.54 24.86
C ALA B 262 -0.10 -42.89 26.15
N ASP B 263 -1.16 -42.13 26.46
CA ASP B 263 -1.92 -42.34 27.73
C ASP B 263 -2.65 -43.69 27.71
N LYS B 264 -3.30 -44.04 26.60
CA LYS B 264 -3.96 -45.36 26.51
C LYS B 264 -2.96 -46.52 26.63
N ILE B 265 -1.79 -46.34 26.02
CA ILE B 265 -0.77 -47.37 26.11
C ILE B 265 -0.28 -47.45 27.55
N ALA B 266 -0.02 -46.31 28.20
CA ALA B 266 0.47 -46.34 29.57
C ALA B 266 -0.57 -47.05 30.47
N GLU B 267 -1.85 -46.92 30.13
CA GLU B 267 -2.95 -47.52 30.91
C GLU B 267 -3.15 -48.99 30.68
N GLY B 268 -2.47 -49.54 29.67
CA GLY B 268 -2.48 -50.98 29.43
C GLY B 268 -3.05 -51.44 28.11
N ASN B 269 -3.39 -50.52 27.19
CA ASN B 269 -3.85 -50.91 25.79
C ASN B 269 -2.73 -50.96 24.78
N LEU B 270 -2.35 -52.15 24.37
CA LEU B 270 -1.13 -52.32 23.63
C LEU B 270 -1.44 -52.84 22.29
N GLU B 271 -2.72 -52.82 21.89
CA GLU B 271 -3.11 -53.62 20.74
C GLU B 271 -2.85 -52.89 19.42
N ALA B 272 -2.85 -51.56 19.41
CA ALA B 272 -2.72 -50.85 18.14
C ALA B 272 -1.32 -50.28 17.96
N GLU B 273 -0.80 -50.42 16.75
CA GLU B 273 0.39 -49.69 16.34
C GLU B 273 0.08 -48.20 16.45
N VAL B 274 1.09 -47.44 16.86
CA VAL B 274 0.90 -45.98 17.04
C VAL B 274 0.61 -45.37 15.66
N PRO B 275 -0.49 -44.60 15.51
CA PRO B 275 -0.80 -43.93 14.24
C PRO B 275 0.29 -43.03 13.66
N HIS B 276 0.26 -42.88 12.32
CA HIS B 276 1.05 -41.91 11.58
C HIS B 276 2.56 -42.01 11.71
N GLN B 277 3.08 -43.22 11.90
CA GLN B 277 4.53 -43.47 11.88
C GLN B 277 5.16 -43.15 10.52
N ASN B 278 4.32 -43.13 9.50
CA ASN B 278 4.73 -42.89 8.12
C ASN B 278 4.97 -41.42 7.78
N ARG B 279 4.58 -40.52 8.67
CA ARG B 279 4.69 -39.10 8.36
C ARG B 279 6.12 -38.63 8.26
N ALA B 280 6.38 -37.79 7.27
CA ALA B 280 7.74 -37.48 6.86
C ALA B 280 8.46 -36.38 7.66
N ASP B 281 7.80 -35.82 8.67
CA ASP B 281 8.34 -34.70 9.41
C ASP B 281 8.51 -35.13 10.89
N GLU B 282 8.73 -34.15 11.79
CA GLU B 282 9.14 -34.46 13.13
C GLU B 282 8.02 -35.08 13.96
N ILE B 283 6.78 -34.94 13.48
CA ILE B 283 5.65 -35.63 14.06
C ILE B 283 5.74 -37.13 13.79
N GLY B 284 6.26 -37.50 12.62
CA GLY B 284 6.48 -38.92 12.28
C GLY B 284 7.58 -39.46 13.17
N ILE B 285 8.70 -38.74 13.26
CA ILE B 285 9.80 -39.08 14.21
C ILE B 285 9.25 -39.35 15.62
N LEU B 286 8.43 -38.44 16.09
CA LEU B 286 7.84 -38.57 17.42
C LEU B 286 7.01 -39.86 17.51
N ALA B 287 6.12 -40.01 16.56
CA ALA B 287 5.24 -41.16 16.58
C ALA B 287 6.04 -42.51 16.58
N LYS B 288 7.14 -42.55 15.80
CA LYS B 288 8.02 -43.73 15.83
C LYS B 288 8.69 -44.00 17.18
N SER B 289 8.96 -42.94 17.95
CA SER B 289 9.56 -43.09 19.30
C SER B 289 8.56 -43.63 20.32
N ILE B 290 7.35 -43.17 20.19
CA ILE B 290 6.29 -43.69 21.03
C ILE B 290 5.99 -45.15 20.70
N GLU B 291 6.16 -45.54 19.43
CA GLU B 291 5.94 -46.92 19.03
C GLU B 291 7.04 -47.82 19.66
N ARG B 292 8.26 -47.29 19.76
CA ARG B 292 9.34 -48.04 20.44
C ARG B 292 8.97 -48.30 21.90
N LEU B 293 8.44 -47.29 22.51
CA LEU B 293 7.87 -47.45 23.87
C LEU B 293 6.74 -48.51 23.90
N ARG B 294 5.77 -48.38 23.01
CA ARG B 294 4.71 -49.39 22.99
C ARG B 294 5.26 -50.85 22.86
N ARG B 295 6.19 -51.05 21.95
CA ARG B 295 6.72 -52.37 21.71
C ARG B 295 7.51 -52.91 22.91
N SER B 296 8.21 -52.02 23.58
CA SER B 296 8.96 -52.39 24.77
C SER B 296 7.99 -52.81 25.85
N LEU B 297 6.91 -52.04 25.99
CA LEU B 297 5.88 -52.38 26.98
C LEU B 297 5.22 -53.73 26.64
N LYS B 298 4.90 -53.94 25.37
CA LYS B 298 4.18 -55.16 24.91
C LYS B 298 4.98 -56.45 25.11
N VAL B 299 6.29 -56.40 24.78
CA VAL B 299 7.18 -57.49 25.08
C VAL B 299 7.22 -57.77 26.61
N ALA B 300 7.29 -56.70 27.42
CA ALA B 300 7.37 -56.90 28.82
C ALA B 300 6.07 -57.55 29.36
N MET B 301 4.93 -57.11 28.86
CA MET B 301 3.62 -57.65 29.33
C MET B 301 3.40 -59.09 28.92
N GLU B 302 3.82 -59.38 27.69
CA GLU B 302 3.80 -60.76 27.17
C GLU B 302 4.67 -61.70 28.01
N SER B 303 5.84 -61.25 28.41
CA SER B 303 6.72 -62.07 29.24
C SER B 303 6.14 -62.26 30.63
N LEU B 304 5.56 -61.19 31.16
CA LEU B 304 4.80 -61.30 32.42
C LEU B 304 3.67 -62.30 32.40
N GLU B 305 2.89 -62.30 31.33
CA GLU B 305 1.78 -63.21 31.21
C GLU B 305 2.31 -64.67 31.18
N GLU B 306 3.43 -64.89 30.49
CA GLU B 306 4.08 -66.22 30.47
C GLU B 306 4.54 -66.71 31.85
N ALA B 307 4.79 -65.78 32.79
CA ALA B 307 5.25 -66.10 34.15
C ALA B 307 4.09 -66.52 35.03
N LEU B 308 2.87 -66.14 34.67
CA LEU B 308 1.73 -66.40 35.56
C LEU B 308 1.42 -67.86 35.58
N LYS B 309 1.10 -68.30 36.79
CA LYS B 309 0.56 -69.60 37.14
C LYS B 309 1.73 -70.53 37.46
N GLU C 208 10.48 -32.82 4.20
CA GLU C 208 9.75 -31.73 4.92
C GLU C 208 10.02 -31.71 6.41
N ASN C 209 9.87 -30.54 6.96
CA ASN C 209 9.90 -30.37 8.38
C ASN C 209 8.84 -29.40 8.74
N ILE C 210 8.43 -29.42 9.99
CA ILE C 210 7.27 -28.60 10.37
C ILE C 210 7.49 -27.11 10.22
N ALA C 211 8.73 -26.62 10.43
CA ALA C 211 9.07 -25.25 10.24
C ALA C 211 8.86 -24.77 8.81
N SER C 212 9.17 -25.62 7.84
CA SER C 212 8.92 -25.32 6.41
CA SER C 212 8.90 -25.31 6.42
C SER C 212 7.42 -25.45 6.08
N GLU C 213 6.76 -26.46 6.61
CA GLU C 213 5.30 -26.61 6.37
C GLU C 213 4.48 -25.40 6.85
N ILE C 214 4.74 -24.93 8.08
CA ILE C 214 4.00 -23.82 8.62
C ILE C 214 4.39 -22.50 7.93
N SER C 215 5.69 -22.23 7.82
CA SER C 215 6.19 -20.97 7.23
C SER C 215 5.74 -20.83 5.82
N LYS C 216 5.80 -21.93 5.06
CA LYS C 216 5.27 -21.96 3.67
C LYS C 216 3.82 -21.68 3.45
N SER C 217 3.00 -21.98 4.47
CA SER C 217 1.54 -21.87 4.34
C SER C 217 1.07 -20.42 4.23
N VAL C 218 1.89 -19.46 4.64
CA VAL C 218 1.55 -18.07 4.49
C VAL C 218 2.08 -17.41 3.21
N GLU C 219 2.89 -18.13 2.38
CA GLU C 219 3.51 -17.50 1.22
C GLU C 219 2.49 -17.04 0.17
N GLY C 220 1.43 -17.83 -0.04
CA GLY C 220 0.38 -17.41 -0.99
C GLY C 220 -0.29 -16.10 -0.59
N ALA C 221 -0.63 -16.00 0.71
CA ALA C 221 -1.22 -14.81 1.27
C ALA C 221 -0.32 -13.60 1.08
N ILE C 222 0.94 -13.74 1.45
CA ILE C 222 1.89 -12.61 1.33
C ILE C 222 2.04 -12.19 -0.13
N GLN C 223 2.10 -13.15 -1.06
CA GLN C 223 2.16 -12.79 -2.48
C GLN C 223 0.89 -12.00 -2.95
N GLN C 224 -0.28 -12.40 -2.49
CA GLN C 224 -1.52 -11.68 -2.84
C GLN C 224 -1.52 -10.23 -2.25
N VAL C 225 -0.97 -10.08 -1.06
CA VAL C 225 -0.75 -8.71 -0.49
C VAL C 225 0.19 -7.90 -1.38
N LYS C 226 1.30 -8.51 -1.76
CA LYS C 226 2.27 -7.85 -2.59
C LYS C 226 1.66 -7.46 -3.93
N ASN C 227 0.85 -8.35 -4.52
CA ASN C 227 0.28 -7.94 -5.78
C ASN C 227 -0.53 -6.66 -5.69
N LEU C 228 -1.31 -6.53 -4.63
CA LEU C 228 -2.15 -5.33 -4.41
C LEU C 228 -1.35 -4.07 -4.10
N LEU C 229 -0.22 -4.25 -3.42
CA LEU C 229 0.65 -3.16 -3.13
C LEU C 229 1.29 -2.65 -4.45
N THR C 230 1.72 -3.54 -5.31
CA THR C 230 2.35 -3.17 -6.55
C THR C 230 1.32 -2.43 -7.44
N LEU C 231 0.11 -2.99 -7.51
CA LEU C 231 -1.01 -2.35 -8.19
C LEU C 231 -1.24 -0.93 -7.65
N ALA C 232 -1.29 -0.77 -6.35
CA ALA C 232 -1.50 0.57 -5.78
C ALA C 232 -0.38 1.59 -6.16
N ALA C 233 0.89 1.14 -6.07
CA ALA C 233 2.03 1.97 -6.43
C ALA C 233 1.97 2.37 -7.93
N ASP C 234 1.58 1.42 -8.81
CA ASP C 234 1.45 1.74 -10.20
C ASP C 234 0.33 2.75 -10.44
N ARG C 235 -0.80 2.53 -9.77
CA ARG C 235 -1.88 3.52 -9.85
C ARG C 235 -1.49 4.92 -9.37
N ALA C 236 -0.70 4.97 -8.31
CA ALA C 236 -0.21 6.26 -7.84
C ALA C 236 0.72 6.89 -8.86
N GLU C 237 1.60 6.10 -9.51
CA GLU C 237 2.45 6.66 -10.49
C GLU C 237 1.69 7.25 -11.69
N GLN C 238 0.59 6.62 -12.06
CA GLN C 238 -0.24 7.11 -13.14
C GLN C 238 -0.85 8.49 -12.89
N ILE C 239 -0.98 8.89 -11.61
CA ILE C 239 -1.48 10.22 -11.26
C ILE C 239 -0.68 11.32 -11.95
N VAL C 240 0.62 11.11 -12.14
CA VAL C 240 1.47 12.15 -12.71
C VAL C 240 1.00 12.43 -14.16
N ASN C 241 0.94 11.38 -14.98
CA ASN C 241 0.36 11.52 -16.30
C ASN C 241 -1.02 12.06 -16.36
N ASP C 242 -1.90 11.56 -15.49
CA ASP C 242 -3.28 11.95 -15.54
C ASP C 242 -3.37 13.46 -15.24
N LEU C 243 -2.58 13.94 -14.29
CA LEU C 243 -2.56 15.33 -13.94
C LEU C 243 -2.01 16.25 -15.07
N ALA C 244 -1.06 15.75 -15.88
CA ALA C 244 -0.59 16.49 -17.04
C ALA C 244 -1.74 16.61 -18.01
N SER C 245 -2.50 15.54 -18.18
CA SER C 245 -3.56 15.56 -19.12
C SER C 245 -4.66 16.53 -18.69
N THR C 246 -5.03 16.51 -17.38
CA THR C 246 -6.05 17.35 -16.82
C THR C 246 -5.68 18.83 -16.93
N THR C 247 -4.40 19.11 -16.68
CA THR C 247 -3.92 20.47 -16.80
C THR C 247 -3.97 20.98 -18.26
N THR C 248 -3.61 20.15 -19.22
CA THR C 248 -3.65 20.56 -20.59
C THR C 248 -5.10 20.88 -21.01
N SER C 249 -6.06 20.00 -20.63
CA SER C 249 -7.50 20.15 -20.93
CA SER C 249 -7.44 20.25 -21.03
C SER C 249 -8.14 21.39 -20.29
N THR C 250 -7.89 21.50 -19.00
CA THR C 250 -8.52 22.52 -18.13
C THR C 250 -7.92 23.89 -18.28
N ILE C 251 -6.60 23.99 -18.51
CA ILE C 251 -5.93 25.26 -18.49
C ILE C 251 -5.18 25.55 -19.81
N THR C 252 -4.25 24.71 -20.18
CA THR C 252 -3.39 25.04 -21.31
C THR C 252 -4.17 25.35 -22.56
N ARG C 253 -5.03 24.40 -22.98
CA ARG C 253 -5.76 24.64 -24.19
C ARG C 253 -6.60 25.91 -24.22
N PRO C 254 -7.41 26.17 -23.16
CA PRO C 254 -8.11 27.44 -23.18
C PRO C 254 -7.24 28.67 -23.16
N ILE C 255 -6.09 28.65 -22.49
CA ILE C 255 -5.25 29.81 -22.42
C ILE C 255 -4.64 30.08 -23.81
N ILE C 256 -4.22 29.01 -24.50
CA ILE C 256 -3.66 29.15 -25.83
C ILE C 256 -4.73 29.62 -26.85
N GLU C 257 -5.96 29.14 -26.69
CA GLU C 257 -7.08 29.59 -27.54
C GLU C 257 -7.33 31.06 -27.33
N LEU C 258 -7.31 31.52 -26.06
CA LEU C 258 -7.44 32.97 -25.83
C LEU C 258 -6.30 33.83 -26.34
N SER C 259 -5.06 33.38 -26.17
CA SER C 259 -3.88 34.00 -26.75
C SER C 259 -4.01 34.10 -28.29
N ASN C 260 -4.47 33.04 -28.93
CA ASN C 260 -4.57 33.11 -30.40
C ASN C 260 -5.64 34.11 -30.82
N THR C 261 -6.77 34.09 -30.09
CA THR C 261 -7.81 35.05 -30.33
C THR C 261 -7.39 36.48 -30.12
N ALA C 262 -6.69 36.73 -29.02
CA ALA C 262 -6.10 38.02 -28.80
C ALA C 262 -5.22 38.50 -29.98
N ASP C 263 -4.37 37.64 -30.41
CA ASP C 263 -3.52 37.98 -31.55
C ASP C 263 -4.35 38.42 -32.76
N LYS C 264 -5.35 37.61 -33.13
CA LYS C 264 -6.19 37.91 -34.27
C LYS C 264 -6.87 39.28 -34.13
N ILE C 265 -7.38 39.59 -32.93
CA ILE C 265 -7.98 40.89 -32.66
C ILE C 265 -6.94 42.02 -32.80
N ALA C 266 -5.74 41.82 -32.24
CA ALA C 266 -4.70 42.84 -32.27
C ALA C 266 -4.29 43.14 -33.71
N GLU C 267 -4.39 42.11 -34.55
CA GLU C 267 -4.05 42.25 -35.98
C GLU C 267 -5.16 42.81 -36.82
N GLY C 268 -6.31 43.11 -36.22
CA GLY C 268 -7.34 43.83 -36.85
C GLY C 268 -8.65 43.13 -37.10
N ASN C 269 -8.78 41.87 -36.66
CA ASN C 269 -10.09 41.21 -36.76
C ASN C 269 -10.91 41.52 -35.53
N LEU C 270 -11.61 42.65 -35.57
CA LEU C 270 -12.25 43.21 -34.36
C LEU C 270 -13.55 42.50 -34.06
N GLU C 271 -13.99 41.64 -34.99
CA GLU C 271 -15.19 40.87 -34.78
C GLU C 271 -14.94 39.43 -34.35
N ALA C 272 -13.70 39.00 -34.16
CA ALA C 272 -13.44 37.63 -33.69
C ALA C 272 -14.13 37.35 -32.36
N GLU C 273 -14.59 36.13 -32.21
CA GLU C 273 -15.37 35.71 -31.05
C GLU C 273 -14.41 35.27 -29.97
N VAL C 274 -14.50 35.90 -28.80
CA VAL C 274 -13.65 35.57 -27.65
C VAL C 274 -14.28 34.36 -26.98
N PRO C 275 -13.62 33.20 -27.01
CA PRO C 275 -14.09 31.92 -26.44
C PRO C 275 -14.04 31.95 -24.88
N HIS C 276 -14.76 31.02 -24.24
CA HIS C 276 -14.54 30.73 -22.84
C HIS C 276 -15.11 31.79 -21.90
N GLN C 277 -15.94 32.71 -22.40
CA GLN C 277 -16.47 33.80 -21.51
C GLN C 277 -17.46 33.34 -20.42
N ASN C 278 -18.08 32.20 -20.63
CA ASN C 278 -19.08 31.64 -19.74
C ASN C 278 -18.58 30.65 -18.69
N ARG C 279 -17.30 30.37 -18.65
CA ARG C 279 -16.77 29.47 -17.66
C ARG C 279 -16.87 30.13 -16.32
N ALA C 280 -17.00 29.28 -15.34
CA ALA C 280 -17.14 29.70 -13.97
C ALA C 280 -15.85 30.10 -13.31
N ASP C 281 -14.71 29.62 -13.78
CA ASP C 281 -13.45 29.89 -13.07
C ASP C 281 -12.70 31.13 -13.57
N GLU C 282 -11.45 31.26 -13.17
CA GLU C 282 -10.65 32.46 -13.44
C GLU C 282 -10.33 32.62 -14.93
N ILE C 283 -10.42 31.52 -15.66
CA ILE C 283 -10.26 31.60 -17.09
C ILE C 283 -11.43 32.30 -17.75
N GLY C 284 -12.66 32.17 -17.18
CA GLY C 284 -13.81 32.91 -17.65
C GLY C 284 -13.64 34.38 -17.39
N ILE C 285 -13.10 34.69 -16.23
CA ILE C 285 -12.88 36.07 -15.88
C ILE C 285 -11.87 36.69 -16.90
N LEU C 286 -10.80 35.95 -17.15
CA LEU C 286 -9.77 36.35 -18.13
C LEU C 286 -10.41 36.57 -19.54
N ALA C 287 -11.19 35.62 -20.02
CA ALA C 287 -11.89 35.76 -21.27
C ALA C 287 -12.79 36.99 -21.34
N LYS C 288 -13.53 37.31 -20.27
CA LYS C 288 -14.35 38.51 -20.27
C LYS C 288 -13.45 39.80 -20.38
N SER C 289 -12.31 39.76 -19.73
CA SER C 289 -11.41 40.92 -19.78
C SER C 289 -10.81 41.16 -21.18
N ILE C 290 -10.59 40.08 -21.92
CA ILE C 290 -10.15 40.11 -23.31
C ILE C 290 -11.26 40.62 -24.26
N GLU C 291 -12.50 40.20 -23.99
CA GLU C 291 -13.67 40.71 -24.68
C GLU C 291 -13.77 42.23 -24.41
N ARG C 292 -13.51 42.76 -23.19
CA ARG C 292 -13.52 44.19 -23.00
C ARG C 292 -12.46 44.91 -23.86
N LEU C 293 -11.28 44.32 -24.01
CA LEU C 293 -10.25 44.89 -24.90
C LEU C 293 -10.71 44.98 -26.35
N ARG C 294 -11.39 43.91 -26.79
CA ARG C 294 -11.97 43.84 -28.13
C ARG C 294 -12.97 44.95 -28.33
N ARG C 295 -13.91 45.06 -27.41
CA ARG C 295 -14.86 46.17 -27.41
C ARG C 295 -14.16 47.55 -27.46
N SER C 296 -13.12 47.76 -26.65
CA SER C 296 -12.42 49.02 -26.67
C SER C 296 -11.81 49.27 -28.05
N LEU C 297 -11.24 48.24 -28.64
CA LEU C 297 -10.67 48.45 -29.97
C LEU C 297 -11.72 48.77 -31.08
N LYS C 298 -12.83 48.05 -31.06
CA LYS C 298 -13.98 48.37 -31.91
C LYS C 298 -14.43 49.83 -31.72
N VAL C 299 -14.60 50.28 -30.48
CA VAL C 299 -15.03 51.64 -30.24
C VAL C 299 -13.98 52.62 -30.85
N ALA C 300 -12.71 52.35 -30.56
CA ALA C 300 -11.64 53.18 -31.14
C ALA C 300 -11.69 53.27 -32.65
N MET C 301 -12.01 52.18 -33.32
CA MET C 301 -11.98 52.13 -34.77
C MET C 301 -13.19 52.93 -35.34
N GLU C 302 -14.35 52.75 -34.71
CA GLU C 302 -15.54 53.51 -35.06
C GLU C 302 -15.31 55.02 -34.83
N SER C 303 -14.61 55.42 -33.77
CA SER C 303 -14.28 56.85 -33.55
C SER C 303 -13.33 57.38 -34.65
N LEU C 304 -12.30 56.60 -34.97
CA LEU C 304 -11.40 56.94 -36.09
C LEU C 304 -12.16 57.08 -37.41
N GLU C 305 -12.97 56.10 -37.77
CA GLU C 305 -13.68 56.27 -39.01
C GLU C 305 -14.51 57.58 -38.99
N GLU C 306 -15.22 57.86 -37.90
CA GLU C 306 -15.95 59.10 -37.84
C GLU C 306 -15.03 60.30 -38.11
N ALA C 307 -13.85 60.31 -37.48
CA ALA C 307 -12.92 61.46 -37.60
C ALA C 307 -12.42 61.67 -39.05
N LEU C 308 -12.30 60.57 -39.78
CA LEU C 308 -11.71 60.57 -41.14
C LEU C 308 -12.68 61.02 -42.18
N LYS C 309 -13.95 61.15 -41.76
CA LYS C 309 -15.00 61.50 -42.70
C LYS C 309 -14.81 62.92 -43.23
N GLU D 208 -2.21 -22.28 27.62
CA GLU D 208 -1.49 -21.85 26.41
C GLU D 208 -1.82 -22.89 25.33
N ASN D 209 -1.79 -22.45 24.10
CA ASN D 209 -2.28 -23.29 22.99
C ASN D 209 -1.42 -22.98 21.80
N ILE D 210 -0.96 -24.02 21.11
CA ILE D 210 0.05 -23.86 20.08
C ILE D 210 -0.48 -23.05 18.90
N ALA D 211 -1.74 -23.22 18.53
CA ALA D 211 -2.30 -22.46 17.42
C ALA D 211 -2.27 -20.96 17.67
N SER D 212 -2.55 -20.54 18.93
CA SER D 212 -2.44 -19.12 19.36
C SER D 212 -1.01 -18.66 19.40
N GLU D 213 -0.14 -19.46 19.98
CA GLU D 213 1.28 -19.12 20.06
C GLU D 213 1.89 -18.84 18.70
N ILE D 214 1.68 -19.76 17.76
CA ILE D 214 2.19 -19.59 16.39
C ILE D 214 1.49 -18.48 15.64
N SER D 215 0.15 -18.49 15.60
CA SER D 215 -0.61 -17.53 14.78
C SER D 215 -0.44 -16.13 15.27
N LYS D 216 -0.45 -15.93 16.58
CA LYS D 216 -0.28 -14.61 17.11
C LYS D 216 1.14 -14.02 16.96
N SER D 217 2.16 -14.87 16.68
CA SER D 217 3.54 -14.41 16.64
C SER D 217 3.72 -13.41 15.52
N VAL D 218 2.88 -13.50 14.49
CA VAL D 218 2.99 -12.57 13.36
C VAL D 218 2.08 -11.32 13.39
N GLU D 219 1.23 -11.14 14.43
CA GLU D 219 0.32 -10.00 14.57
C GLU D 219 1.10 -8.69 14.53
N GLY D 220 2.22 -8.64 15.21
CA GLY D 220 2.99 -7.40 15.17
C GLY D 220 3.47 -7.01 13.80
N ALA D 221 4.03 -7.97 13.08
CA ALA D 221 4.50 -7.66 11.75
C ALA D 221 3.36 -7.16 10.85
N ILE D 222 2.22 -7.87 10.93
CA ILE D 222 1.10 -7.50 10.15
C ILE D 222 0.63 -6.08 10.47
N GLN D 223 0.63 -5.71 11.75
CA GLN D 223 0.28 -4.34 12.08
C GLN D 223 1.31 -3.34 11.59
N GLN D 224 2.58 -3.72 11.53
CA GLN D 224 3.60 -2.87 10.93
C GLN D 224 3.30 -2.57 9.49
N VAL D 225 3.07 -3.65 8.75
CA VAL D 225 2.67 -3.54 7.35
C VAL D 225 1.51 -2.60 7.22
N LYS D 226 0.46 -2.80 8.00
CA LYS D 226 -0.75 -1.97 7.93
C LYS D 226 -0.44 -0.50 8.23
N ASN D 227 0.43 -0.27 9.20
CA ASN D 227 0.85 1.09 9.50
C ASN D 227 1.56 1.80 8.36
N LEU D 228 2.39 1.07 7.65
CA LEU D 228 3.02 1.60 6.41
C LEU D 228 1.97 1.92 5.36
N LEU D 229 0.95 1.09 5.25
CA LEU D 229 -0.12 1.37 4.30
C LEU D 229 -0.90 2.60 4.70
N THR D 230 -1.08 2.83 6.03
CA THR D 230 -1.79 4.00 6.48
C THR D 230 -0.97 5.30 6.18
N LEU D 231 0.31 5.19 6.43
CA LEU D 231 1.26 6.31 6.15
C LEU D 231 1.19 6.62 4.66
N ALA D 232 1.16 5.59 3.79
CA ALA D 232 1.11 5.80 2.38
C ALA D 232 -0.20 6.50 1.98
N ALA D 233 -1.32 6.09 2.56
CA ALA D 233 -2.64 6.61 2.22
C ALA D 233 -2.63 8.11 2.66
N ASP D 234 -2.08 8.37 3.87
CA ASP D 234 -2.11 9.68 4.45
C ASP D 234 -1.30 10.67 3.56
N ARG D 235 -0.14 10.19 3.12
CA ARG D 235 0.73 11.01 2.29
C ARG D 235 0.08 11.27 0.92
N ALA D 236 -0.60 10.26 0.39
CA ALA D 236 -1.36 10.45 -0.83
C ALA D 236 -2.45 11.49 -0.70
N GLU D 237 -3.14 11.49 0.43
CA GLU D 237 -4.24 12.42 0.62
C GLU D 237 -3.72 13.86 0.66
N GLN D 238 -2.54 14.05 1.25
CA GLN D 238 -1.94 15.37 1.37
CA GLN D 238 -1.88 15.33 1.39
C GLN D 238 -1.68 16.04 0.04
N ILE D 239 -1.60 15.24 -1.04
CA ILE D 239 -1.33 15.78 -2.33
C ILE D 239 -2.38 16.80 -2.75
N VAL D 240 -3.62 16.60 -2.35
CA VAL D 240 -4.70 17.50 -2.78
C VAL D 240 -4.45 18.91 -2.35
N ASN D 241 -4.19 19.08 -1.05
CA ASN D 241 -3.99 20.42 -0.54
C ASN D 241 -2.74 21.05 -1.13
N ASP D 242 -1.68 20.27 -1.23
CA ASP D 242 -0.46 20.78 -1.76
C ASP D 242 -0.58 21.17 -3.20
N LEU D 243 -1.38 20.40 -3.95
CA LEU D 243 -1.69 20.74 -5.31
C LEU D 243 -2.57 21.98 -5.45
N ALA D 244 -3.51 22.20 -4.53
CA ALA D 244 -4.25 23.42 -4.56
C ALA D 244 -3.30 24.60 -4.44
N SER D 245 -2.37 24.49 -3.49
CA SER D 245 -1.44 25.56 -3.22
CA SER D 245 -1.42 25.57 -3.20
C SER D 245 -0.52 25.87 -4.41
N THR D 246 -0.01 24.81 -5.00
CA THR D 246 0.83 24.95 -6.17
C THR D 246 0.08 25.65 -7.35
N THR D 247 -1.13 25.20 -7.59
CA THR D 247 -1.92 25.72 -8.67
C THR D 247 -2.23 27.19 -8.45
N THR D 248 -2.61 27.52 -7.24
CA THR D 248 -2.82 28.93 -6.93
C THR D 248 -1.55 29.83 -7.18
N SER D 249 -0.38 29.45 -6.70
CA SER D 249 0.80 30.27 -6.91
C SER D 249 1.30 30.28 -8.38
N THR D 250 1.21 29.14 -9.05
CA THR D 250 1.75 28.90 -10.44
C THR D 250 0.85 29.41 -11.55
N ILE D 251 -0.46 29.30 -11.32
CA ILE D 251 -1.44 29.55 -12.38
C ILE D 251 -2.43 30.64 -12.01
N THR D 252 -3.13 30.45 -10.91
CA THR D 252 -4.20 31.38 -10.60
C THR D 252 -3.72 32.80 -10.43
N ARG D 253 -2.68 33.01 -9.65
CA ARG D 253 -2.27 34.36 -9.34
C ARG D 253 -1.88 35.14 -10.58
N PRO D 254 -1.04 34.57 -11.48
CA PRO D 254 -0.76 35.38 -12.67
C PRO D 254 -1.94 35.56 -13.62
N ILE D 255 -2.85 34.58 -13.70
CA ILE D 255 -4.04 34.75 -14.53
CA ILE D 255 -4.04 34.73 -14.53
C ILE D 255 -4.91 35.89 -14.02
N ILE D 256 -5.08 36.03 -12.69
CA ILE D 256 -5.79 37.11 -12.11
C ILE D 256 -5.09 38.46 -12.37
N GLU D 257 -3.75 38.48 -12.29
CA GLU D 257 -2.96 39.70 -12.56
C GLU D 257 -3.21 40.12 -13.98
N LEU D 258 -3.24 39.14 -14.90
CA LEU D 258 -3.46 39.45 -16.32
C LEU D 258 -4.85 39.99 -16.56
N SER D 259 -5.91 39.39 -15.96
CA SER D 259 -7.24 39.84 -16.13
C SER D 259 -7.41 41.27 -15.60
N ASN D 260 -6.75 41.52 -14.48
CA ASN D 260 -6.84 42.80 -13.78
C ASN D 260 -6.20 43.90 -14.63
N THR D 261 -5.07 43.53 -15.23
CA THR D 261 -4.42 44.46 -16.16
C THR D 261 -5.23 44.69 -17.39
N ALA D 262 -5.73 43.66 -18.02
CA ALA D 262 -6.63 43.84 -19.10
C ALA D 262 -7.79 44.76 -18.85
N ASP D 263 -8.40 44.66 -17.67
CA ASP D 263 -9.44 45.55 -17.32
C ASP D 263 -8.94 47.03 -17.21
N LYS D 264 -7.79 47.22 -16.60
CA LYS D 264 -7.25 48.57 -16.42
C LYS D 264 -7.01 49.27 -17.76
N ILE D 265 -6.56 48.48 -18.71
CA ILE D 265 -6.24 48.93 -20.14
C ILE D 265 -7.58 49.19 -20.86
N ALA D 266 -8.55 48.31 -20.65
CA ALA D 266 -9.87 48.44 -21.29
C ALA D 266 -10.63 49.66 -20.76
N GLU D 267 -10.38 49.95 -19.49
CA GLU D 267 -10.94 51.08 -18.82
C GLU D 267 -10.24 52.40 -19.22
N GLY D 268 -9.19 52.28 -20.01
CA GLY D 268 -8.53 53.40 -20.67
C GLY D 268 -7.10 53.77 -20.23
N ASN D 269 -6.47 53.00 -19.32
CA ASN D 269 -5.07 53.22 -19.03
C ASN D 269 -4.25 52.38 -20.01
N LEU D 270 -3.88 53.02 -21.09
CA LEU D 270 -3.13 52.35 -22.17
C LEU D 270 -1.64 52.21 -21.85
N GLU D 271 -1.22 52.78 -20.72
CA GLU D 271 0.15 52.63 -20.27
C GLU D 271 0.40 51.50 -19.28
N ALA D 272 -0.60 50.77 -18.86
CA ALA D 272 -0.41 49.76 -17.86
C ALA D 272 0.58 48.65 -18.30
N GLU D 273 1.48 48.25 -17.42
CA GLU D 273 2.44 47.16 -17.70
C GLU D 273 1.75 45.83 -17.74
N VAL D 274 1.88 45.08 -18.82
CA VAL D 274 1.28 43.75 -18.83
C VAL D 274 2.31 42.87 -18.19
N PRO D 275 1.97 42.24 -17.04
CA PRO D 275 2.95 41.49 -16.32
C PRO D 275 3.32 40.17 -17.00
N HIS D 276 4.47 39.65 -16.66
CA HIS D 276 4.81 38.24 -16.97
C HIS D 276 5.03 37.97 -18.47
N GLN D 277 5.35 39.03 -19.23
CA GLN D 277 5.72 38.85 -20.62
C GLN D 277 6.96 38.01 -20.80
N ASN D 278 7.86 37.99 -19.81
CA ASN D 278 9.06 37.18 -19.97
C ASN D 278 8.97 35.76 -19.44
N ARG D 279 7.81 35.37 -18.93
CA ARG D 279 7.66 34.07 -18.41
C ARG D 279 7.74 33.07 -19.59
N ALA D 280 8.36 31.91 -19.34
CA ALA D 280 8.77 30.93 -20.41
C ALA D 280 7.66 29.98 -20.85
N ASP D 281 6.57 29.87 -20.09
CA ASP D 281 5.48 28.92 -20.35
C ASP D 281 4.24 29.59 -21.02
N GLU D 282 3.12 28.90 -21.07
CA GLU D 282 1.93 29.40 -21.72
C GLU D 282 1.30 30.70 -21.12
N ILE D 283 1.61 30.94 -19.85
CA ILE D 283 1.28 32.20 -19.22
C ILE D 283 1.98 33.37 -19.91
N GLY D 284 3.24 33.17 -20.24
CA GLY D 284 4.03 34.11 -21.04
C GLY D 284 3.48 34.32 -22.41
N ILE D 285 3.06 33.22 -23.05
CA ILE D 285 2.37 33.38 -24.33
C ILE D 285 1.18 34.30 -24.26
N LEU D 286 0.32 34.05 -23.25
CA LEU D 286 -0.88 34.77 -23.02
C LEU D 286 -0.53 36.24 -22.80
N ALA D 287 0.45 36.48 -21.91
CA ALA D 287 0.85 37.83 -21.51
C ALA D 287 1.30 38.64 -22.73
N LYS D 288 2.06 37.97 -23.63
CA LYS D 288 2.57 38.65 -24.82
C LYS D 288 1.40 39.00 -25.76
N SER D 289 0.40 38.12 -25.86
CA SER D 289 -0.81 38.42 -26.60
CA SER D 289 -0.80 38.46 -26.64
C SER D 289 -1.59 39.64 -26.10
N ILE D 290 -1.77 39.72 -24.78
CA ILE D 290 -2.43 40.87 -24.15
C ILE D 290 -1.58 42.14 -24.39
N GLU D 291 -0.25 42.02 -24.35
CA GLU D 291 0.61 43.14 -24.69
C GLU D 291 0.33 43.57 -26.14
N ARG D 292 0.21 42.63 -27.09
CA ARG D 292 -0.17 43.11 -28.41
C ARG D 292 -1.44 43.88 -28.45
N LEU D 293 -2.45 43.53 -27.62
CA LEU D 293 -3.72 44.20 -27.66
C LEU D 293 -3.53 45.61 -27.15
N ARG D 294 -2.79 45.69 -26.07
CA ARG D 294 -2.46 47.00 -25.47
C ARG D 294 -1.81 47.89 -26.49
N ARG D 295 -0.80 47.40 -27.20
CA ARG D 295 -0.10 48.23 -28.19
C ARG D 295 -1.02 48.62 -29.33
N SER D 296 -1.91 47.70 -29.73
CA SER D 296 -2.93 48.04 -30.77
C SER D 296 -3.86 49.18 -30.33
N LEU D 297 -4.25 49.15 -29.07
CA LEU D 297 -5.11 50.21 -28.58
C LEU D 297 -4.37 51.57 -28.55
N LYS D 298 -3.07 51.53 -28.24
CA LYS D 298 -2.22 52.75 -28.14
C LYS D 298 -2.12 53.38 -29.53
N VAL D 299 -1.87 52.56 -30.55
CA VAL D 299 -1.88 53.03 -31.92
C VAL D 299 -3.23 53.60 -32.33
N ALA D 300 -4.31 52.94 -31.99
CA ALA D 300 -5.64 53.44 -32.30
C ALA D 300 -5.91 54.84 -31.65
N MET D 301 -5.43 54.99 -30.42
CA MET D 301 -5.55 56.29 -29.72
C MET D 301 -4.69 57.37 -30.36
N GLU D 302 -3.46 57.03 -30.75
CA GLU D 302 -2.56 58.00 -31.42
C GLU D 302 -3.22 58.44 -32.75
N SER D 303 -3.77 57.46 -33.48
CA SER D 303 -4.42 57.68 -34.79
C SER D 303 -5.66 58.57 -34.64
N LEU D 304 -6.43 58.35 -33.60
CA LEU D 304 -7.55 59.26 -33.37
C LEU D 304 -7.04 60.69 -33.05
N GLU D 305 -6.09 60.82 -32.12
CA GLU D 305 -5.60 62.11 -31.66
C GLU D 305 -5.24 62.90 -32.90
N GLU D 306 -4.54 62.22 -33.79
CA GLU D 306 -3.92 62.91 -34.89
C GLU D 306 -4.97 63.33 -35.88
N ALA D 307 -5.91 62.40 -36.17
CA ALA D 307 -7.00 62.65 -37.13
C ALA D 307 -7.83 63.84 -36.72
N LEU D 308 -8.00 64.02 -35.40
CA LEU D 308 -8.70 65.19 -34.85
C LEU D 308 -7.90 66.47 -34.74
N LYS D 309 -6.58 66.41 -34.95
CA LYS D 309 -5.80 67.58 -35.01
C LYS D 309 -6.26 68.25 -36.34
#